data_6ELG
#
_entry.id   6ELG
#
_cell.length_a   55.014
_cell.length_b   63.468
_cell.length_c   65.363
_cell.angle_alpha   90.000
_cell.angle_beta   90.000
_cell.angle_gamma   90.000
#
_symmetry.space_group_name_H-M   'P 21 21 21'
#
loop_
_entity.id
_entity.type
_entity.pdbx_description
1 polymer 'Trp operon repressor'
2 non-polymer 1H-indol-3-ylacetonitrile
3 water water
#
_entity_poly.entity_id   1
_entity_poly.type   'polypeptide(L)'
_entity_poly.pdbx_seq_one_letter_code
;MAQQSPYSAAMAEQRHQEWLRFVDLLKNAYQNDLHLPLLNLFLLPDEREALGTRVRIVEELLRGEMSQRELKNELGAGIA
IITRGSNYLKAAPVELRQWLEEVLLKSDLEHHHHHH
;
_entity_poly.pdbx_strand_id   A,B
#
loop_
_chem_comp.id
_chem_comp.type
_chem_comp.name
_chem_comp.formula
3BO non-polymer 1H-indol-3-ylacetonitrile 'C10 H8 N2'
#
# COMPACT_ATOMS: atom_id res chain seq x y z
N ALA A 2 16.15 -24.27 13.33
CA ALA A 2 15.47 -23.08 12.84
C ALA A 2 16.00 -22.68 11.46
N GLN A 3 15.14 -22.05 10.66
CA GLN A 3 15.57 -21.58 9.34
C GLN A 3 16.54 -20.44 9.46
N GLN A 4 16.34 -19.56 10.44
CA GLN A 4 17.17 -18.38 10.60
C GLN A 4 17.82 -18.36 11.96
N SER A 5 19.00 -17.76 12.00
CA SER A 5 19.67 -17.49 13.27
C SER A 5 18.85 -16.54 14.15
N PRO A 6 18.99 -16.64 15.46
CA PRO A 6 18.13 -15.86 16.36
C PRO A 6 18.05 -14.35 16.10
N TYR A 7 19.13 -13.67 15.74
CA TYR A 7 19.05 -12.23 15.44
C TYR A 7 18.09 -11.96 14.28
N SER A 8 18.31 -12.66 13.17
CA SER A 8 17.47 -12.49 12.00
C SER A 8 16.06 -12.94 12.27
N ALA A 9 15.89 -14.01 13.04
CA ALA A 9 14.57 -14.50 13.34
C ALA A 9 13.80 -13.52 14.22
N ALA A 10 14.48 -12.90 15.17
CA ALA A 10 13.81 -11.92 16.03
C ALA A 10 13.39 -10.68 15.25
N MET A 11 14.23 -10.25 14.32
CA MET A 11 13.85 -9.13 13.46
C MET A 11 12.66 -9.50 12.59
N ALA A 12 12.70 -10.68 11.97
CA ALA A 12 11.62 -11.08 11.08
C ALA A 12 10.31 -11.23 11.83
N GLU A 13 10.34 -11.73 13.04
CA GLU A 13 9.09 -11.90 13.80
C GLU A 13 8.48 -10.55 14.13
N GLN A 14 9.30 -9.58 14.52
CA GLN A 14 8.80 -8.23 14.74
C GLN A 14 8.21 -7.64 13.47
N ARG A 15 8.91 -7.74 12.34
CA ARG A 15 8.37 -7.16 11.11
C ARG A 15 7.07 -7.85 10.73
N HIS A 16 6.99 -9.16 10.92
CA HIS A 16 5.78 -9.90 10.60
C HIS A 16 4.59 -9.42 11.43
N GLN A 17 4.77 -9.28 12.73
CA GLN A 17 3.70 -8.79 13.58
C GLN A 17 3.29 -7.38 13.17
N GLU A 18 4.26 -6.54 12.83
CA GLU A 18 3.98 -5.17 12.42
C GLU A 18 3.20 -5.12 11.12
N TRP A 19 3.54 -5.99 10.17
CA TRP A 19 2.79 -6.08 8.91
C TRP A 19 1.36 -6.50 9.18
N LEU A 20 1.17 -7.54 9.99
CA LEU A 20 -0.19 -7.98 10.27
C LEU A 20 -1.00 -6.92 10.99
N ARG A 21 -0.37 -6.11 11.84
CA ARG A 21 -1.07 -5.01 12.47
C ARG A 21 -1.59 -4.03 11.43
N PHE A 22 -0.76 -3.69 10.43
CA PHE A 22 -1.25 -2.83 9.36
C PHE A 22 -2.40 -3.48 8.59
N VAL A 23 -2.24 -4.76 8.24
CA VAL A 23 -3.27 -5.47 7.49
C VAL A 23 -4.60 -5.45 8.25
N ASP A 24 -4.55 -5.65 9.56
CA ASP A 24 -5.77 -5.66 10.36
C ASP A 24 -6.37 -4.26 10.47
N LEU A 25 -5.51 -3.24 10.64
CA LEU A 25 -5.98 -1.86 10.70
C LEU A 25 -6.76 -1.50 9.43
N LEU A 26 -6.18 -1.84 8.28
CA LEU A 26 -6.82 -1.54 7.02
C LEU A 26 -8.10 -2.35 6.84
N LYS A 27 -8.08 -3.62 7.27
CA LYS A 27 -9.28 -4.44 7.20
C LYS A 27 -10.44 -3.75 7.90
N ASN A 28 -10.18 -3.25 9.09
CA ASN A 28 -11.22 -2.61 9.87
C ASN A 28 -11.55 -1.24 9.32
N ALA A 29 -10.57 -0.53 8.75
CA ALA A 29 -10.90 0.74 8.12
C ALA A 29 -11.88 0.57 6.99
N TYR A 30 -11.70 -0.46 6.15
CA TYR A 30 -12.69 -0.72 5.10
C TYR A 30 -14.07 -0.91 5.69
N GLN A 31 -14.18 -1.66 6.80
CA GLN A 31 -15.49 -1.90 7.39
C GLN A 31 -16.12 -0.61 7.89
N ASN A 32 -15.31 0.34 8.32
CA ASN A 32 -15.77 1.62 8.86
C ASN A 32 -15.82 2.74 7.82
N ASP A 33 -15.57 2.43 6.56
CA ASP A 33 -15.54 3.44 5.50
CA ASP A 33 -15.49 3.41 5.46
C ASP A 33 -14.45 4.50 5.75
N LEU A 34 -13.34 4.11 6.36
CA LEU A 34 -12.21 4.98 6.64
C LEU A 34 -10.99 4.58 5.81
N HIS A 35 -11.16 3.65 4.87
CA HIS A 35 -10.03 3.17 4.09
C HIS A 35 -9.36 4.26 3.27
N LEU A 36 -10.14 5.16 2.63
CA LEU A 36 -9.51 6.17 1.78
C LEU A 36 -8.61 7.08 2.59
N PRO A 37 -9.05 7.69 3.70
CA PRO A 37 -8.13 8.55 4.45
C PRO A 37 -7.03 7.73 5.10
N LEU A 38 -7.29 6.47 5.49
CA LEU A 38 -6.21 5.67 6.07
C LEU A 38 -5.09 5.45 5.05
N LEU A 39 -5.46 5.12 3.81
CA LEU A 39 -4.45 4.92 2.78
C LEU A 39 -3.76 6.21 2.40
N ASN A 40 -4.47 7.35 2.44
CA ASN A 40 -3.81 8.62 2.16
C ASN A 40 -2.78 8.97 3.24
N LEU A 41 -3.07 8.61 4.49
CA LEU A 41 -2.14 8.80 5.60
C LEU A 41 -0.89 7.95 5.43
N PHE A 42 -1.07 6.67 5.12
CA PHE A 42 0.02 5.71 5.21
C PHE A 42 0.80 5.51 3.93
N LEU A 43 0.28 5.94 2.78
CA LEU A 43 0.95 5.84 1.50
C LEU A 43 1.17 7.22 0.90
N LEU A 44 2.39 7.49 0.45
CA LEU A 44 2.66 8.75 -0.21
C LEU A 44 2.00 8.79 -1.58
N PRO A 45 1.78 9.99 -2.12
CA PRO A 45 1.14 10.06 -3.45
C PRO A 45 1.81 9.20 -4.52
N ASP A 46 3.14 9.19 -4.58
CA ASP A 46 3.80 8.39 -5.62
C ASP A 46 3.62 6.89 -5.38
N GLU A 47 3.50 6.50 -4.12
CA GLU A 47 3.28 5.09 -3.80
C GLU A 47 1.87 4.66 -4.20
N ARG A 48 0.89 5.53 -3.96
CA ARG A 48 -0.47 5.27 -4.43
C ARG A 48 -0.51 5.17 -5.96
N GLU A 49 0.18 6.08 -6.66
CA GLU A 49 0.19 6.01 -8.11
C GLU A 49 0.83 4.71 -8.58
N ALA A 50 1.94 4.30 -7.94
CA ALA A 50 2.57 3.04 -8.33
C ALA A 50 1.60 1.88 -8.22
N LEU A 51 0.81 1.84 -7.14
CA LEU A 51 -0.18 0.77 -6.99
C LEU A 51 -1.22 0.80 -8.09
N GLY A 52 -1.74 1.99 -8.42
CA GLY A 52 -2.69 2.08 -9.50
C GLY A 52 -2.10 1.60 -10.81
N THR A 53 -0.84 1.95 -11.08
CA THR A 53 -0.21 1.53 -12.32
C THR A 53 0.09 0.03 -12.31
N ARG A 54 0.52 -0.52 -11.17
CA ARG A 54 0.78 -1.95 -11.09
C ARG A 54 -0.48 -2.78 -11.36
N VAL A 55 -1.65 -2.31 -10.92
CA VAL A 55 -2.88 -3.00 -11.27
C VAL A 55 -3.04 -3.07 -12.79
N ARG A 56 -2.82 -1.93 -13.48
CA ARG A 56 -2.91 -1.93 -14.93
C ARG A 56 -1.89 -2.86 -15.58
N ILE A 57 -0.66 -2.90 -15.06
CA ILE A 57 0.34 -3.80 -15.61
C ILE A 57 -0.11 -5.25 -15.47
N VAL A 58 -0.61 -5.62 -14.28
CA VAL A 58 -1.08 -6.99 -14.08
C VAL A 58 -2.26 -7.28 -15.01
N GLU A 59 -3.22 -6.36 -15.09
CA GLU A 59 -4.34 -6.52 -16.01
C GLU A 59 -3.86 -6.78 -17.43
N GLU A 60 -2.94 -5.96 -17.90
CA GLU A 60 -2.50 -6.06 -19.28
C GLU A 60 -1.64 -7.30 -19.50
N LEU A 61 -0.89 -7.74 -18.48
CA LEU A 61 -0.17 -9.00 -18.61
C LEU A 61 -1.14 -10.17 -18.75
N LEU A 62 -2.20 -10.18 -17.94
CA LEU A 62 -3.21 -11.25 -18.03
C LEU A 62 -3.97 -11.20 -19.33
N ARG A 63 -4.27 -10.00 -19.84
CA ARG A 63 -5.06 -9.86 -21.06
C ARG A 63 -4.27 -10.33 -22.28
N GLY A 64 -2.98 -10.03 -22.33
CA GLY A 64 -2.10 -10.54 -23.38
C GLY A 64 -2.10 -9.76 -24.69
N GLU A 65 -2.83 -8.65 -24.77
CA GLU A 65 -2.99 -7.91 -26.02
C GLU A 65 -1.96 -6.82 -26.21
N MET A 66 -1.61 -6.09 -25.15
CA MET A 66 -0.68 -4.98 -25.27
C MET A 66 0.73 -5.50 -25.51
N SER A 67 1.47 -4.81 -26.37
CA SER A 67 2.83 -5.16 -26.73
C SER A 67 3.83 -4.66 -25.68
N GLN A 68 5.08 -5.14 -25.80
CA GLN A 68 6.14 -4.63 -24.93
C GLN A 68 6.32 -3.12 -25.07
N ARG A 69 6.28 -2.59 -26.28
CA ARG A 69 6.49 -1.15 -26.39
C ARG A 69 5.30 -0.35 -25.91
N GLU A 70 4.08 -0.88 -26.07
CA GLU A 70 2.92 -0.22 -25.48
C GLU A 70 3.00 -0.25 -23.96
N LEU A 71 3.45 -1.36 -23.37
CA LEU A 71 3.57 -1.40 -21.92
C LEU A 71 4.55 -0.31 -21.44
N LYS A 72 5.65 -0.10 -22.17
N LYS A 72 5.64 -0.12 -22.17
CA LYS A 72 6.59 0.93 -21.75
CA LYS A 72 6.63 0.88 -21.77
C LYS A 72 6.00 2.32 -21.90
C LYS A 72 6.12 2.30 -21.98
N ASN A 73 5.49 2.64 -23.09
N ASN A 73 5.47 2.55 -23.12
CA ASN A 73 5.11 4.02 -23.37
CA ASN A 73 5.08 3.92 -23.44
C ASN A 73 3.71 4.38 -22.88
C ASN A 73 3.82 4.35 -22.70
N GLU A 74 2.91 3.40 -22.41
CA GLU A 74 1.65 3.71 -21.75
C GLU A 74 1.70 3.56 -20.24
N LEU A 75 2.47 2.61 -19.73
CA LEU A 75 2.49 2.30 -18.30
C LEU A 75 3.86 2.39 -17.68
N GLY A 76 4.88 2.80 -18.43
CA GLY A 76 6.22 2.95 -17.89
C GLY A 76 6.93 1.66 -17.62
N ALA A 77 6.44 0.55 -18.14
CA ALA A 77 6.95 -0.77 -17.81
C ALA A 77 7.90 -1.23 -18.90
N GLY A 78 9.19 -1.10 -18.64
CA GLY A 78 10.22 -1.65 -19.48
C GLY A 78 10.38 -3.15 -19.29
N ILE A 79 11.45 -3.68 -19.90
CA ILE A 79 11.68 -5.12 -19.91
C ILE A 79 11.79 -5.65 -18.49
N ALA A 80 12.55 -4.96 -17.65
CA ALA A 80 12.79 -5.48 -16.31
C ALA A 80 11.52 -5.47 -15.46
N ILE A 81 10.72 -4.40 -15.54
CA ILE A 81 9.46 -4.32 -14.82
C ILE A 81 8.49 -5.39 -15.31
N ILE A 82 8.40 -5.59 -16.62
CA ILE A 82 7.52 -6.65 -17.13
C ILE A 82 7.97 -7.99 -16.59
N THR A 83 9.28 -8.25 -16.58
CA THR A 83 9.77 -9.52 -16.09
C THR A 83 9.46 -9.70 -14.61
N ARG A 84 9.73 -8.69 -13.80
CA ARG A 84 9.47 -8.80 -12.37
C ARG A 84 7.98 -9.00 -12.11
N GLY A 85 7.14 -8.17 -12.74
CA GLY A 85 5.70 -8.31 -12.51
C GLY A 85 5.19 -9.68 -12.93
N SER A 86 5.69 -10.18 -14.07
CA SER A 86 5.31 -11.51 -14.51
C SER A 86 5.75 -12.57 -13.51
N ASN A 87 6.97 -12.43 -12.97
CA ASN A 87 7.43 -13.37 -11.96
C ASN A 87 6.57 -13.32 -10.70
N TYR A 88 6.17 -12.14 -10.26
CA TYR A 88 5.33 -12.04 -9.07
C TYR A 88 3.97 -12.68 -9.34
N LEU A 89 3.43 -12.48 -10.53
CA LEU A 89 2.17 -13.11 -10.88
C LEU A 89 2.28 -14.63 -10.86
N LYS A 90 3.37 -15.17 -11.42
CA LYS A 90 3.58 -16.61 -11.45
C LYS A 90 3.73 -17.19 -10.05
N ALA A 91 4.32 -16.43 -9.13
CA ALA A 91 4.53 -16.90 -7.78
C ALA A 91 3.27 -16.87 -6.93
N ALA A 92 2.27 -16.12 -7.32
CA ALA A 92 1.04 -16.02 -6.56
C ALA A 92 0.26 -17.34 -6.61
N PRO A 93 -0.58 -17.61 -5.62
CA PRO A 93 -1.42 -18.81 -5.70
C PRO A 93 -2.34 -18.73 -6.93
N VAL A 94 -2.56 -19.88 -7.56
N VAL A 94 -2.56 -19.86 -7.58
CA VAL A 94 -3.41 -19.94 -8.74
CA VAL A 94 -3.40 -19.82 -8.78
C VAL A 94 -4.79 -19.39 -8.41
C VAL A 94 -4.83 -19.42 -8.45
N GLU A 95 -5.28 -19.66 -7.22
CA GLU A 95 -6.60 -19.16 -6.83
C GLU A 95 -6.65 -17.64 -6.94
N LEU A 96 -5.59 -16.95 -6.54
CA LEU A 96 -5.57 -15.49 -6.70
C LEU A 96 -5.52 -15.10 -8.17
N ARG A 97 -4.68 -15.76 -8.97
CA ARG A 97 -4.60 -15.41 -10.38
C ARG A 97 -5.94 -15.58 -11.05
N GLN A 98 -6.66 -16.66 -10.73
CA GLN A 98 -7.96 -16.92 -11.35
C GLN A 98 -8.97 -15.88 -10.91
N TRP A 99 -8.92 -15.46 -9.65
CA TRP A 99 -9.81 -14.42 -9.17
C TRP A 99 -9.50 -13.09 -9.85
N LEU A 100 -8.20 -12.76 -9.98
CA LEU A 100 -7.84 -11.55 -10.70
C LEU A 100 -8.35 -11.55 -12.12
N GLU A 101 -8.31 -12.69 -12.79
CA GLU A 101 -8.83 -12.75 -14.15
C GLU A 101 -10.32 -12.44 -14.16
N GLU A 102 -11.06 -12.97 -13.19
CA GLU A 102 -12.49 -12.73 -13.14
C GLU A 102 -12.81 -11.29 -12.83
N VAL A 103 -12.07 -10.68 -11.91
N VAL A 103 -12.04 -10.65 -11.95
CA VAL A 103 -12.35 -9.30 -11.52
CA VAL A 103 -12.39 -9.32 -11.49
C VAL A 103 -11.83 -8.34 -12.58
C VAL A 103 -11.73 -8.20 -12.30
N LEU A 104 -10.55 -8.44 -12.90
CA LEU A 104 -9.91 -7.40 -13.74
C LEU A 104 -10.27 -7.49 -15.20
N LEU A 105 -10.59 -8.66 -15.71
CA LEU A 105 -10.89 -8.84 -17.12
C LEU A 105 -12.37 -9.03 -17.40
N LYS A 106 -13.23 -9.06 -16.38
CA LYS A 106 -14.67 -9.12 -16.61
C LYS A 106 -15.42 -8.67 -15.36
N GLN B 3 0.06 25.25 -12.81
N GLN B 3 0.28 25.46 -13.33
CA GLN B 3 -1.29 25.61 -13.25
CA GLN B 3 -1.17 25.48 -13.13
C GLN B 3 -1.93 24.47 -14.03
C GLN B 3 -1.87 24.37 -13.94
N GLN B 4 -3.08 23.99 -13.53
CA GLN B 4 -3.75 22.88 -14.15
C GLN B 4 -4.27 23.27 -15.53
N SER B 5 -4.02 22.42 -16.50
CA SER B 5 -4.50 22.51 -17.87
C SER B 5 -5.43 21.36 -18.12
N PRO B 6 -6.18 21.37 -19.23
CA PRO B 6 -7.01 20.21 -19.55
C PRO B 6 -6.21 18.93 -19.69
N TYR B 7 -5.01 19.01 -20.26
CA TYR B 7 -4.12 17.85 -20.33
C TYR B 7 -3.80 17.32 -18.96
N SER B 8 -3.34 18.20 -18.05
CA SER B 8 -2.94 17.74 -16.74
CA SER B 8 -2.94 17.73 -16.74
C SER B 8 -4.14 17.25 -15.93
N ALA B 9 -5.29 17.90 -16.09
CA ALA B 9 -6.49 17.46 -15.38
C ALA B 9 -6.91 16.09 -15.85
N ALA B 10 -6.83 15.85 -17.16
CA ALA B 10 -7.23 14.55 -17.70
C ALA B 10 -6.33 13.45 -17.18
N MET B 11 -5.05 13.74 -17.07
CA MET B 11 -4.12 12.76 -16.54
C MET B 11 -4.39 12.52 -15.05
N ALA B 12 -4.60 13.59 -14.28
CA ALA B 12 -4.84 13.43 -12.85
C ALA B 12 -6.12 12.65 -12.58
N GLU B 13 -7.17 12.88 -13.37
CA GLU B 13 -8.40 12.12 -13.14
C GLU B 13 -8.20 10.64 -13.46
N GLN B 14 -7.45 10.34 -14.52
CA GLN B 14 -7.16 8.93 -14.79
C GLN B 14 -6.35 8.29 -13.68
N ARG B 15 -5.33 8.99 -13.17
CA ARG B 15 -4.59 8.42 -12.04
C ARG B 15 -5.50 8.21 -10.84
N HIS B 16 -6.42 9.14 -10.60
CA HIS B 16 -7.37 9.00 -9.50
C HIS B 16 -8.23 7.75 -9.68
N GLN B 17 -8.78 7.55 -10.89
CA GLN B 17 -9.57 6.35 -11.13
C GLN B 17 -8.74 5.07 -10.98
N GLU B 18 -7.49 5.08 -11.44
CA GLU B 18 -6.63 3.91 -11.28
C GLU B 18 -6.38 3.59 -9.81
N TRP B 19 -6.21 4.61 -9.00
CA TRP B 19 -6.07 4.40 -7.57
C TRP B 19 -7.34 3.82 -6.96
N LEU B 20 -8.50 4.39 -7.28
CA LEU B 20 -9.74 3.84 -6.74
C LEU B 20 -9.97 2.40 -7.19
N ARG B 21 -9.48 2.04 -8.37
CA ARG B 21 -9.61 0.66 -8.83
C ARG B 21 -8.79 -0.29 -7.96
N PHE B 22 -7.56 0.11 -7.59
CA PHE B 22 -6.79 -0.67 -6.65
C PHE B 22 -7.52 -0.78 -5.31
N VAL B 23 -8.01 0.34 -4.80
CA VAL B 23 -8.69 0.36 -3.50
C VAL B 23 -9.88 -0.59 -3.51
N ASP B 24 -10.64 -0.63 -4.61
CA ASP B 24 -11.81 -1.50 -4.70
C ASP B 24 -11.39 -2.96 -4.81
N LEU B 25 -10.34 -3.23 -5.59
CA LEU B 25 -9.81 -4.58 -5.71
C LEU B 25 -9.41 -5.13 -4.35
N LEU B 26 -8.67 -4.34 -3.58
CA LEU B 26 -8.25 -4.76 -2.26
C LEU B 26 -9.43 -4.91 -1.29
N LYS B 27 -10.42 -4.02 -1.37
CA LYS B 27 -11.63 -4.17 -0.59
C LYS B 27 -12.25 -5.54 -0.81
N ASN B 28 -12.41 -5.92 -2.07
N ASN B 28 -12.38 -5.92 -2.09
CA ASN B 28 -13.03 -7.22 -2.34
CA ASN B 28 -13.00 -7.17 -2.49
C ASN B 28 -12.12 -8.36 -1.95
C ASN B 28 -12.13 -8.37 -2.11
N ALA B 29 -10.81 -8.18 -2.10
CA ALA B 29 -9.91 -9.23 -1.65
C ALA B 29 -10.05 -9.50 -0.15
N TYR B 30 -10.17 -8.44 0.67
CA TYR B 30 -10.43 -8.65 2.09
C TYR B 30 -11.72 -9.44 2.29
N GLN B 31 -12.76 -9.15 1.51
CA GLN B 31 -14.03 -9.86 1.66
C GLN B 31 -13.90 -11.34 1.35
N ASN B 32 -12.98 -11.72 0.46
CA ASN B 32 -12.81 -13.10 0.01
C ASN B 32 -11.57 -13.74 0.61
N ASP B 33 -10.97 -13.13 1.63
CA ASP B 33 -9.77 -13.67 2.29
C ASP B 33 -8.63 -13.91 1.30
N LEU B 34 -8.51 -13.04 0.29
CA LEU B 34 -7.39 -13.05 -0.63
C LEU B 34 -6.48 -11.85 -0.44
N HIS B 35 -6.69 -11.05 0.61
CA HIS B 35 -5.91 -9.84 0.78
C HIS B 35 -4.41 -10.13 1.00
N LEU B 36 -4.06 -11.19 1.74
CA LEU B 36 -2.64 -11.39 2.02
C LEU B 36 -1.87 -11.69 0.73
N PRO B 37 -2.29 -12.64 -0.10
CA PRO B 37 -1.54 -12.84 -1.36
C PRO B 37 -1.67 -11.66 -2.30
N LEU B 38 -2.80 -10.95 -2.30
CA LEU B 38 -2.90 -9.75 -3.15
C LEU B 38 -1.88 -8.72 -2.76
N LEU B 39 -1.71 -8.50 -1.46
CA LEU B 39 -0.76 -7.51 -1.01
C LEU B 39 0.67 -7.96 -1.28
N ASN B 40 0.95 -9.27 -1.21
CA ASN B 40 2.27 -9.75 -1.56
C ASN B 40 2.56 -9.57 -3.03
N LEU B 41 1.55 -9.65 -3.89
CA LEU B 41 1.74 -9.44 -5.32
C LEU B 41 2.03 -7.99 -5.62
N PHE B 42 1.25 -7.09 -5.03
CA PHE B 42 1.27 -5.69 -5.41
C PHE B 42 2.23 -4.79 -4.64
N LEU B 43 2.75 -5.23 -3.50
CA LEU B 43 3.70 -4.47 -2.70
C LEU B 43 4.99 -5.25 -2.57
N LEU B 44 6.10 -4.57 -2.73
CA LEU B 44 7.41 -5.18 -2.54
C LEU B 44 7.70 -5.34 -1.07
N PRO B 45 8.59 -6.28 -0.71
CA PRO B 45 8.90 -6.48 0.73
C PRO B 45 9.24 -5.21 1.49
N ASP B 46 10.09 -4.36 0.92
CA ASP B 46 10.46 -3.15 1.65
C ASP B 46 9.29 -2.19 1.79
N GLU B 47 8.34 -2.25 0.86
CA GLU B 47 7.16 -1.40 0.95
C GLU B 47 6.23 -1.90 2.04
N ARG B 48 6.08 -3.21 2.16
CA ARG B 48 5.30 -3.76 3.25
C ARG B 48 5.92 -3.43 4.61
N GLU B 49 7.23 -3.56 4.72
CA GLU B 49 7.92 -3.19 5.96
C GLU B 49 7.68 -1.72 6.30
N ALA B 50 7.76 -0.84 5.29
CA ALA B 50 7.56 0.57 5.54
C ALA B 50 6.17 0.83 6.11
N LEU B 51 5.14 0.15 5.60
CA LEU B 51 3.79 0.31 6.14
C LEU B 51 3.71 -0.15 7.59
N GLY B 52 4.32 -1.29 7.91
CA GLY B 52 4.30 -1.74 9.30
C GLY B 52 5.00 -0.75 10.22
N THR B 53 6.10 -0.17 9.76
CA THR B 53 6.82 0.78 10.60
C THR B 53 6.06 2.10 10.72
N ARG B 54 5.43 2.56 9.64
CA ARG B 54 4.67 3.80 9.70
C ARG B 54 3.52 3.70 10.69
N VAL B 55 2.88 2.52 10.82
CA VAL B 55 1.86 2.35 11.85
C VAL B 55 2.44 2.63 13.23
N ARG B 56 3.62 2.07 13.51
CA ARG B 56 4.26 2.33 14.80
C ARG B 56 4.59 3.80 14.98
N ILE B 57 5.05 4.46 13.93
CA ILE B 57 5.37 5.88 14.05
C ILE B 57 4.12 6.65 14.42
N VAL B 58 3.02 6.38 13.73
CA VAL B 58 1.79 7.10 14.03
C VAL B 58 1.32 6.82 15.45
N GLU B 59 1.32 5.53 15.83
CA GLU B 59 0.98 5.14 17.19
C GLU B 59 1.80 5.92 18.21
N GLU B 60 3.12 5.96 18.02
CA GLU B 60 3.98 6.58 19.01
C GLU B 60 3.86 8.10 18.99
N LEU B 61 3.57 8.68 17.83
CA LEU B 61 3.30 10.11 17.81
C LEU B 61 2.04 10.45 18.57
N LEU B 62 0.99 9.64 18.39
CA LEU B 62 -0.26 9.84 19.12
C LEU B 62 -0.07 9.62 20.62
N ARG B 63 0.73 8.61 21.00
CA ARG B 63 0.90 8.32 22.42
C ARG B 63 1.68 9.42 23.11
N GLY B 64 2.65 10.02 22.42
CA GLY B 64 3.37 11.14 22.95
C GLY B 64 4.38 10.82 24.01
N GLU B 65 4.75 9.56 24.19
CA GLU B 65 5.66 9.14 25.25
C GLU B 65 7.10 9.05 24.79
N MET B 66 7.36 8.51 23.60
N MET B 66 7.36 8.47 23.62
CA MET B 66 8.73 8.31 23.16
CA MET B 66 8.72 8.34 23.15
C MET B 66 9.34 9.61 22.62
C MET B 66 9.29 9.69 22.76
N SER B 67 10.58 9.88 23.01
CA SER B 67 11.30 11.06 22.57
C SER B 67 11.70 10.93 21.10
N GLN B 68 12.17 12.05 20.53
CA GLN B 68 12.65 12.04 19.15
C GLN B 68 13.83 11.09 18.98
N ARG B 69 14.75 11.07 19.95
CA ARG B 69 15.87 10.14 19.86
C ARG B 69 15.41 8.69 19.89
N GLU B 70 14.41 8.39 20.74
CA GLU B 70 13.89 7.02 20.81
C GLU B 70 13.18 6.63 19.52
N LEU B 71 12.44 7.57 18.92
CA LEU B 71 11.80 7.31 17.64
C LEU B 71 12.84 7.00 16.57
N LYS B 72 13.94 7.75 16.55
CA LYS B 72 15.01 7.51 15.58
C LYS B 72 15.66 6.15 15.83
N ASN B 73 15.99 5.86 17.09
CA ASN B 73 16.71 4.63 17.41
C ASN B 73 15.84 3.39 17.20
N GLU B 74 14.59 3.44 17.63
CA GLU B 74 13.76 2.26 17.65
C GLU B 74 12.98 2.06 16.37
N LEU B 75 12.60 3.13 15.69
CA LEU B 75 11.80 3.04 14.48
C LEU B 75 12.52 3.52 13.24
N GLY B 76 13.75 4.03 13.36
CA GLY B 76 14.46 4.62 12.24
C GLY B 76 13.92 5.94 11.78
N ALA B 77 13.05 6.56 12.57
CA ALA B 77 12.33 7.75 12.16
C ALA B 77 13.09 8.98 12.66
N GLY B 78 13.90 9.54 11.79
CA GLY B 78 14.56 10.79 12.10
C GLY B 78 13.63 11.98 12.01
N ILE B 79 14.21 13.15 12.19
CA ILE B 79 13.39 14.34 12.40
C ILE B 79 12.55 14.68 11.18
N ALA B 80 13.08 14.48 9.97
CA ALA B 80 12.33 14.81 8.77
C ALA B 80 11.12 13.88 8.60
N ILE B 81 11.28 12.59 8.90
N ILE B 81 11.32 12.59 8.89
CA ILE B 81 10.13 11.70 8.74
CA ILE B 81 10.23 11.62 8.82
C ILE B 81 9.12 11.89 9.87
C ILE B 81 9.15 11.94 9.85
N ILE B 82 9.57 12.28 11.05
CA ILE B 82 8.61 12.65 12.09
C ILE B 82 7.83 13.88 11.71
N THR B 83 8.49 14.86 11.09
CA THR B 83 7.79 16.07 10.66
C THR B 83 6.76 15.73 9.59
N ARG B 84 7.17 14.94 8.60
CA ARG B 84 6.23 14.58 7.54
C ARG B 84 5.07 13.77 8.09
N GLY B 85 5.37 12.77 8.90
CA GLY B 85 4.33 11.93 9.47
C GLY B 85 3.36 12.72 10.34
N SER B 86 3.89 13.66 11.13
CA SER B 86 3.03 14.52 11.93
C SER B 86 2.12 15.35 11.04
N ASN B 87 2.65 15.87 9.93
CA ASN B 87 1.82 16.64 8.99
C ASN B 87 0.72 15.77 8.40
N TYR B 88 1.05 14.53 8.01
CA TYR B 88 0.02 13.67 7.44
C TYR B 88 -1.05 13.36 8.47
N LEU B 89 -0.65 13.13 9.71
CA LEU B 89 -1.62 12.89 10.76
C LEU B 89 -2.52 14.12 10.96
N LYS B 90 -1.94 15.30 10.99
CA LYS B 90 -2.76 16.50 11.20
C LYS B 90 -3.69 16.76 10.04
N ALA B 91 -3.29 16.38 8.82
CA ALA B 91 -4.12 16.61 7.65
C ALA B 91 -5.25 15.61 7.52
N ALA B 92 -5.20 14.51 8.25
CA ALA B 92 -6.23 13.48 8.19
C ALA B 92 -7.57 14.03 8.66
N PRO B 93 -8.68 13.48 8.16
CA PRO B 93 -9.98 13.93 8.63
C PRO B 93 -10.19 13.52 10.08
N VAL B 94 -11.07 14.26 10.76
CA VAL B 94 -11.26 14.05 12.19
C VAL B 94 -11.74 12.64 12.49
N GLU B 95 -12.59 12.06 11.65
CA GLU B 95 -13.09 10.72 11.94
C GLU B 95 -11.94 9.70 11.95
N LEU B 96 -10.96 9.89 11.07
CA LEU B 96 -9.82 8.97 11.05
C LEU B 96 -8.94 9.16 12.27
N ARG B 97 -8.58 10.40 12.58
CA ARG B 97 -7.70 10.62 13.70
C ARG B 97 -8.32 10.12 15.00
N GLN B 98 -9.62 10.33 15.18
CA GLN B 98 -10.29 9.84 16.38
C GLN B 98 -10.29 8.33 16.44
N TRP B 99 -10.57 7.67 15.31
CA TRP B 99 -10.56 6.21 15.30
C TRP B 99 -9.16 5.66 15.55
N LEU B 100 -8.13 6.26 14.95
CA LEU B 100 -6.76 5.79 15.19
C LEU B 100 -6.38 5.91 16.66
N GLU B 101 -6.81 6.99 17.31
N GLU B 101 -6.79 7.00 17.31
CA GLU B 101 -6.54 7.12 18.75
CA GLU B 101 -6.55 7.14 18.74
C GLU B 101 -7.20 5.99 19.53
C GLU B 101 -7.19 6.00 19.52
N GLU B 102 -8.40 5.59 19.13
CA GLU B 102 -9.11 4.51 19.81
C GLU B 102 -8.43 3.16 19.59
N VAL B 103 -8.08 2.86 18.34
CA VAL B 103 -7.62 1.52 17.98
CA VAL B 103 -7.64 1.50 18.04
C VAL B 103 -6.14 1.34 18.28
N LEU B 104 -5.32 2.35 18.01
CA LEU B 104 -3.88 2.14 18.19
C LEU B 104 -3.44 2.30 19.63
N LEU B 105 -4.19 3.04 20.44
CA LEU B 105 -3.88 3.22 21.85
C LEU B 105 -4.80 2.41 22.75
N LYS B 106 -5.60 1.54 22.16
CA LYS B 106 -6.46 0.58 22.86
C LYS B 106 -5.83 0.04 24.14
C01 3BO C . 4.39 -4.70 -11.90
C02 3BO C . 3.37 -5.59 -11.50
C03 3BO C . 3.26 -5.99 -10.19
C04 3BO C . 4.19 -5.48 -9.27
C05 3BO C . 5.23 -4.59 -9.68
C06 3BO C . 5.29 -4.23 -11.02
C07 3BO C . 6.00 -4.28 -8.51
C08 3BO C . 5.44 -4.95 -7.46
N09 3BO C . 4.34 -5.67 -7.92
C10 3BO C . 7.16 -3.38 -8.41
C11 3BO C . 8.33 -3.93 -9.10
N12 3BO C . 9.19 -4.39 -9.67
H1 3BO C . 4.46 -4.41 -12.96
H2 3BO C . 2.74 -5.89 -12.33
H3 3BO C . 2.50 -6.66 -9.82
H4 3BO C . 6.02 -3.56 -11.45
H5 3BO C . 5.77 -4.93 -6.43
H6 3BO C . 3.79 -6.25 -7.33
H7 3BO C . 6.99 -2.35 -8.77
H8 3BO C . 7.51 -3.21 -7.36
C01 3BO D . 5.40 8.32 9.00
C02 3BO D . 4.05 8.24 9.26
C03 3BO D . 3.14 8.20 8.23
C04 3BO D . 3.66 8.17 6.92
C05 3BO D . 5.05 8.21 6.65
C06 3BO D . 5.91 8.28 7.75
C07 3BO D . 5.22 8.13 5.29
C08 3BO D . 3.97 8.08 4.71
N09 3BO D . 3.04 8.10 5.70
C10 3BO D . 6.48 8.16 4.47
C11 3BO D . 7.15 9.46 4.61
N12 3BO D . 7.66 10.47 4.73
H1 3BO D . 6.09 8.37 9.85
H2 3BO D . 3.82 8.30 10.32
H3 3BO D . 2.07 8.16 8.35
H4 3BO D . 6.98 8.32 7.69
H5 3BO D . 3.73 8.04 3.66
H6 3BO D . 2.06 8.04 5.53
H7 3BO D . 7.20 7.36 4.68
H8 3BO D . 6.30 8.07 3.37
#